data_1WRI
#
_entry.id   1WRI
#
_cell.length_a   97.544
_cell.length_b   29.411
_cell.length_c   32.561
_cell.angle_alpha   90.00
_cell.angle_beta   103.94
_cell.angle_gamma   90.00
#
_symmetry.space_group_name_H-M   'C 1 2 1'
#
loop_
_entity.id
_entity.type
_entity.pdbx_description
1 polymer 'Ferredoxin II'
2 non-polymer 'FE2/S2 (INORGANIC) CLUSTER'
3 non-polymer BENZAMIDINE
4 water water
#
_entity_poly.entity_id   1
_entity_poly.type   'polypeptide(L)'
_entity_poly.pdbx_seq_one_letter_code
;AYKVTLKTPDGDITFDVEPGERLIDIGSEKADLPLSCQAGACSTCLGKIVSGTVDQSEGSFLDDEQIEQGYVLTCIAIPE
SDVVIETHKEDEL
;
_entity_poly.pdbx_strand_id   A
#
# COMPACT_ATOMS: atom_id res chain seq x y z
N ALA A 1 -4.77 -2.01 17.19
CA ALA A 1 -4.88 -1.85 15.74
C ALA A 1 -3.53 -1.39 15.21
N TYR A 2 -3.38 -1.55 13.90
CA TYR A 2 -2.21 -1.01 13.24
C TYR A 2 -2.41 0.44 12.77
N LYS A 3 -1.44 1.28 13.05
CA LYS A 3 -1.46 2.66 12.56
C LYS A 3 -0.90 2.71 11.14
N VAL A 4 -1.69 3.19 10.19
CA VAL A 4 -1.26 3.28 8.78
C VAL A 4 -1.16 4.75 8.44
N THR A 5 -0.01 5.18 7.97
CA THR A 5 0.12 6.52 7.41
C THR A 5 0.35 6.41 5.91
N LEU A 6 -0.52 7.05 5.15
CA LEU A 6 -0.35 7.17 3.70
C LEU A 6 0.18 8.55 3.39
N LYS A 7 1.38 8.63 2.83
CA LYS A 7 2.04 9.89 2.42
C LYS A 7 1.70 10.08 0.96
N THR A 8 0.68 10.92 0.68
CA THR A 8 0.20 11.11 -0.67
C THR A 8 0.81 12.37 -1.24
N PRO A 9 0.75 12.61 -2.54
CA PRO A 9 1.26 13.84 -3.09
C PRO A 9 0.58 15.09 -2.55
N ASP A 10 -0.61 14.93 -2.01
CA ASP A 10 -1.38 16.08 -1.49
C ASP A 10 -1.47 16.04 0.03
N GLY A 11 -0.61 15.37 0.74
CA GLY A 11 -0.66 15.36 2.21
C GLY A 11 -0.65 13.96 2.76
N ASP A 12 -0.38 13.89 4.05
CA ASP A 12 -0.34 12.61 4.75
C ASP A 12 -1.65 12.38 5.49
N ILE A 13 -2.10 11.13 5.54
CA ILE A 13 -3.24 10.81 6.38
C ILE A 13 -2.92 9.53 7.16
N THR A 14 -3.31 9.54 8.42
CA THR A 14 -3.07 8.41 9.31
C THR A 14 -4.39 7.86 9.78
N PHE A 15 -4.51 6.55 9.78
CA PHE A 15 -5.73 5.90 10.24
C PHE A 15 -5.40 4.53 10.82
N ASP A 16 -6.24 3.91 11.62
CA ASP A 16 -6.06 2.59 12.14
C ASP A 16 -6.75 1.52 11.33
N VAL A 17 -6.07 0.36 11.26
CA VAL A 17 -6.57 -0.84 10.57
C VAL A 17 -6.60 -1.99 11.55
N GLU A 18 -7.72 -2.71 11.63
CA GLU A 18 -7.81 -3.89 12.49
C GLU A 18 -6.93 -5.00 11.93
N PRO A 19 -6.23 -5.72 12.81
CA PRO A 19 -5.24 -6.68 12.32
C PRO A 19 -5.86 -7.73 11.44
N GLY A 20 -5.24 -7.88 10.28
CA GLY A 20 -5.73 -8.82 9.29
C GLY A 20 -6.47 -8.18 8.15
N GLU A 21 -6.93 -6.94 8.32
CA GLU A 21 -7.62 -6.25 7.26
C GLU A 21 -6.66 -5.65 6.24
N ARG A 22 -7.08 -5.52 4.99
CA ARG A 22 -6.40 -4.74 3.97
C ARG A 22 -6.44 -3.27 4.30
N LEU A 23 -5.33 -2.55 4.09
CA LEU A 23 -5.34 -1.12 4.34
C LEU A 23 -6.15 -0.35 3.32
N ILE A 24 -6.42 -0.93 2.14
CA ILE A 24 -7.08 -0.13 1.11
C ILE A 24 -8.51 0.17 1.44
N ASP A 25 -9.12 -0.66 2.32
CA ASP A 25 -10.56 -0.44 2.55
C ASP A 25 -10.80 0.90 3.19
N ILE A 26 -10.12 1.19 4.29
CA ILE A 26 -10.27 2.52 4.93
C ILE A 26 -9.43 3.51 4.16
N GLY A 27 -8.28 3.12 3.60
CA GLY A 27 -7.47 4.08 2.86
C GLY A 27 -8.24 4.79 1.77
N SER A 28 -8.99 4.01 0.95
CA SER A 28 -9.80 4.62 -0.12
C SER A 28 -10.89 5.53 0.38
N GLU A 29 -11.27 5.37 1.65
CA GLU A 29 -12.27 6.26 2.29
C GLU A 29 -11.64 7.59 2.68
N LYS A 30 -10.34 7.55 3.00
CA LYS A 30 -9.68 8.70 3.59
C LYS A 30 -8.85 9.50 2.59
N ALA A 31 -8.58 8.89 1.44
CA ALA A 31 -7.78 9.54 0.40
C ALA A 31 -8.22 9.01 -0.97
N ASP A 32 -7.94 9.80 -2.01
CA ASP A 32 -8.22 9.32 -3.37
C ASP A 32 -6.96 8.58 -3.79
N LEU A 33 -7.11 7.29 -3.92
CA LEU A 33 -6.00 6.39 -4.20
C LEU A 33 -6.20 5.72 -5.53
N PRO A 34 -5.20 5.63 -6.40
CA PRO A 34 -5.43 5.04 -7.73
C PRO A 34 -5.54 3.55 -7.68
N LEU A 35 -6.51 3.01 -8.38
CA LEU A 35 -6.76 1.61 -8.49
C LEU A 35 -7.16 1.28 -9.92
N SER A 36 -6.93 0.04 -10.33
CA SER A 36 -7.40 -0.48 -11.61
C SER A 36 -7.93 -1.90 -11.40
N CYS A 37 -7.07 -2.89 -11.31
CA CYS A 37 -7.51 -4.28 -11.21
C CYS A 37 -8.01 -4.68 -9.82
N GLN A 38 -7.55 -4.00 -8.77
CA GLN A 38 -7.84 -4.29 -7.38
C GLN A 38 -7.49 -5.71 -6.94
N ALA A 39 -6.59 -6.36 -7.66
CA ALA A 39 -6.33 -7.78 -7.46
C ALA A 39 -4.85 -8.13 -7.43
N GLY A 40 -3.99 -7.15 -7.41
CA GLY A 40 -2.57 -7.44 -7.31
C GLY A 40 -1.90 -7.80 -8.62
N ALA A 41 -2.53 -7.49 -9.75
CA ALA A 41 -2.00 -7.92 -11.05
C ALA A 41 -1.60 -6.81 -11.94
N CYS A 42 -1.45 -5.59 -11.44
CA CYS A 42 -0.99 -4.47 -12.25
C CYS A 42 -0.12 -3.61 -11.35
N SER A 43 0.20 -2.42 -11.74
CA SER A 43 1.01 -1.57 -10.87
C SER A 43 0.26 -0.26 -10.63
N THR A 44 -1.02 -0.16 -10.96
CA THR A 44 -1.70 1.14 -10.86
C THR A 44 -1.65 1.71 -9.44
N CYS A 45 -1.78 0.84 -8.46
CA CYS A 45 -1.86 1.24 -7.05
C CYS A 45 -0.51 1.26 -6.39
N LEU A 46 0.58 1.25 -7.14
CA LEU A 46 1.92 1.11 -6.53
C LEU A 46 2.18 2.18 -5.49
N GLY A 47 2.79 1.74 -4.41
CA GLY A 47 3.34 2.64 -3.38
C GLY A 47 4.71 2.14 -2.97
N LYS A 48 5.31 2.82 -2.01
CA LYS A 48 6.61 2.44 -1.48
C LYS A 48 6.53 2.46 0.02
N ILE A 49 6.92 1.36 0.67
CA ILE A 49 6.90 1.31 2.13
C ILE A 49 8.12 2.03 2.68
N VAL A 50 7.86 2.99 3.56
CA VAL A 50 8.91 3.75 4.24
C VAL A 50 9.27 3.09 5.56
N SER A 51 8.32 2.51 6.27
CA SER A 51 8.61 1.83 7.55
C SER A 51 7.50 0.82 7.78
N GLY A 52 7.84 -0.23 8.53
CA GLY A 52 6.89 -1.26 8.86
C GLY A 52 6.83 -2.38 7.83
N THR A 53 5.86 -3.25 8.01
CA THR A 53 5.76 -4.47 7.22
C THR A 53 4.35 -4.72 6.76
N VAL A 54 4.18 -5.26 5.59
CA VAL A 54 2.89 -5.74 5.10
C VAL A 54 3.03 -7.16 4.58
N ASP A 55 1.91 -7.85 4.53
CA ASP A 55 1.74 -9.04 3.72
C ASP A 55 1.08 -8.63 2.40
N GLN A 56 1.83 -8.77 1.31
CA GLN A 56 1.27 -8.49 -0.03
C GLN A 56 1.45 -9.73 -0.90
N SER A 57 1.41 -10.90 -0.24
CA SER A 57 1.63 -12.14 -1.00
C SER A 57 0.50 -12.47 -1.98
N GLU A 58 -0.64 -11.80 -1.87
CA GLU A 58 -1.75 -11.93 -2.84
C GLU A 58 -1.33 -11.34 -4.20
N GLY A 59 -0.34 -10.42 -4.21
CA GLY A 59 0.10 -9.80 -5.46
C GLY A 59 0.89 -10.69 -6.38
N SER A 60 0.74 -10.45 -7.69
CA SER A 60 1.44 -11.24 -8.71
C SER A 60 2.26 -10.37 -9.64
N PHE A 61 2.22 -9.04 -9.55
CA PHE A 61 2.87 -8.18 -10.53
C PHE A 61 4.31 -7.92 -10.24
N LEU A 62 4.66 -7.63 -8.98
CA LEU A 62 6.04 -7.20 -8.68
C LEU A 62 7.03 -8.33 -8.76
N ASP A 63 8.24 -8.00 -9.20
CA ASP A 63 9.33 -8.99 -9.19
C ASP A 63 10.04 -8.94 -7.83
N ASP A 64 10.93 -9.90 -7.59
CA ASP A 64 11.58 -10.02 -6.27
C ASP A 64 12.35 -8.76 -5.95
N GLU A 65 13.05 -8.17 -6.93
CA GLU A 65 13.86 -6.95 -6.64
C GLU A 65 12.94 -5.83 -6.24
N GLN A 66 11.83 -5.65 -6.94
CA GLN A 66 10.91 -4.56 -6.56
C GLN A 66 10.37 -4.77 -5.16
N ILE A 67 9.98 -5.99 -4.80
CA ILE A 67 9.55 -6.24 -3.42
C ILE A 67 10.66 -5.96 -2.44
N GLU A 68 11.88 -6.34 -2.78
CA GLU A 68 13.04 -6.15 -1.89
C GLU A 68 13.36 -4.68 -1.71
N GLN A 69 12.99 -3.84 -2.67
CA GLN A 69 13.22 -2.42 -2.56
C GLN A 69 12.12 -1.70 -1.78
N GLY A 70 11.06 -2.42 -1.39
CA GLY A 70 10.00 -1.83 -0.58
C GLY A 70 8.78 -1.39 -1.40
N TYR A 71 8.71 -1.70 -2.68
CA TYR A 71 7.46 -1.40 -3.41
C TYR A 71 6.32 -2.25 -2.91
N VAL A 72 5.10 -1.76 -3.05
CA VAL A 72 3.93 -2.43 -2.51
C VAL A 72 2.75 -2.16 -3.42
N LEU A 73 1.96 -3.21 -3.61
CA LEU A 73 0.64 -3.09 -4.27
C LEU A 73 -0.34 -2.76 -3.17
N THR A 74 -0.73 -1.48 -3.11
CA THR A 74 -1.58 -1.02 -2.00
C THR A 74 -2.97 -1.67 -2.03
N CYS A 75 -3.45 -2.16 -3.18
CA CYS A 75 -4.83 -2.69 -3.21
C CYS A 75 -4.95 -4.01 -2.47
N ILE A 76 -3.85 -4.73 -2.24
CA ILE A 76 -3.93 -6.03 -1.57
C ILE A 76 -3.10 -6.10 -0.30
N ALA A 77 -2.34 -5.03 0.04
CA ALA A 77 -1.47 -5.08 1.17
C ALA A 77 -2.20 -5.16 2.49
N ILE A 78 -1.73 -6.08 3.36
CA ILE A 78 -2.30 -6.27 4.71
C ILE A 78 -1.23 -5.88 5.74
N PRO A 79 -1.40 -4.80 6.50
CA PRO A 79 -0.34 -4.45 7.47
C PRO A 79 -0.11 -5.56 8.47
N GLU A 80 1.18 -5.70 8.88
CA GLU A 80 1.58 -6.57 9.97
C GLU A 80 2.30 -5.79 11.05
N SER A 81 2.27 -4.49 10.95
CA SER A 81 2.82 -3.56 11.98
C SER A 81 2.21 -2.21 11.65
N ASP A 82 2.50 -1.21 12.49
CA ASP A 82 2.30 0.16 12.04
C ASP A 82 3.12 0.35 10.77
N VAL A 83 2.56 1.03 9.78
CA VAL A 83 3.26 1.12 8.49
C VAL A 83 3.13 2.54 7.97
N VAL A 84 4.14 3.01 7.26
CA VAL A 84 4.12 4.30 6.53
C VAL A 84 4.37 3.96 5.08
N ILE A 85 3.48 4.39 4.17
CA ILE A 85 3.60 4.07 2.75
C ILE A 85 3.46 5.38 1.96
N GLU A 86 4.37 5.62 1.04
CA GLU A 86 4.21 6.66 0.04
C GLU A 86 3.36 6.16 -1.11
N THR A 87 2.29 6.85 -1.45
CA THR A 87 1.38 6.38 -2.48
C THR A 87 1.73 7.00 -3.82
N HIS A 88 1.03 6.58 -4.87
CA HIS A 88 1.13 7.26 -6.17
C HIS A 88 2.54 7.14 -6.74
N LYS A 89 3.11 5.92 -6.65
CA LYS A 89 4.49 5.70 -7.08
C LYS A 89 4.62 5.00 -8.43
N GLU A 90 3.55 4.70 -9.16
CA GLU A 90 3.72 3.95 -10.41
C GLU A 90 4.67 4.62 -11.40
N ASP A 91 4.77 5.93 -11.40
CA ASP A 91 5.71 6.58 -12.33
C ASP A 91 7.15 6.28 -12.03
N GLU A 92 7.50 5.63 -10.92
CA GLU A 92 8.89 5.29 -10.78
C GLU A 92 9.30 4.03 -11.51
N LEU A 93 8.33 3.24 -11.96
CA LEU A 93 8.80 2.00 -12.61
C LEU A 93 9.34 2.25 -14.00
#